data_6UAD
#
_entry.id   6UAD
#
_cell.length_a   53.150
_cell.length_b   53.150
_cell.length_c   178.030
_cell.angle_alpha   90.000
_cell.angle_beta   90.000
_cell.angle_gamma   120.000
#
_symmetry.space_group_name_H-M   'P 65 2 2'
#
loop_
_entity.id
_entity.type
_entity.pdbx_description
1 polymer 'Ketosteroid isomerase with truncated and designed loop'
2 non-polymer '(3ALPHA,5BETA,12ALPHA)-3,12-DIHYDROXYCHOLAN-24-OIC ACID'
3 non-polymer 'PHOSPHATE ION'
4 water water
#
_entity_poly.entity_id   1
_entity_poly.type   'polypeptide(L)'
_entity_poly.pdbx_seq_one_letter_code
;MNTPEHMTAVVQRYVAALNAGDLDGIVALYASDATVTESFRPPFTGTEAIREFYANSLKLPLAVELTQEVRAANGEAAFA
FIVSFEYQGRKTVVAPIDHFRFNGAGKIVYAQALFGEKNIHAGA
;
_entity_poly.pdbx_strand_id   A
#
loop_
_chem_comp.id
_chem_comp.type
_chem_comp.name
_chem_comp.formula
DXC non-polymer '(3ALPHA,5BETA,12ALPHA)-3,12-DIHYDROXYCHOLAN-24-OIC ACID' 'C24 H40 O4'
PO4 non-polymer 'PHOSPHATE ION' 'O4 P -3'
#
# COMPACT_ATOMS: atom_id res chain seq x y z
N ASN A 2 -5.46 15.36 10.33
CA ASN A 2 -5.34 13.89 10.32
C ASN A 2 -4.90 13.34 11.66
N THR A 3 -5.81 12.75 12.39
CA THR A 3 -5.42 12.18 13.69
C THR A 3 -4.56 10.95 13.43
N PRO A 4 -3.72 10.58 14.39
CA PRO A 4 -3.01 9.28 14.25
C PRO A 4 -3.98 8.13 14.22
N GLU A 5 -5.09 8.20 14.97
CA GLU A 5 -6.11 7.14 14.87
C GLU A 5 -6.65 6.97 13.46
N HIS A 6 -6.99 8.07 12.78
CA HIS A 6 -7.50 7.97 11.41
C HIS A 6 -6.45 7.41 10.47
N MET A 7 -5.21 7.91 10.55
CA MET A 7 -4.20 7.42 9.64
C MET A 7 -3.94 5.96 9.89
N THR A 8 -3.94 5.54 11.17
CA THR A 8 -3.76 4.13 11.48
C THR A 8 -4.93 3.30 10.95
N ALA A 9 -6.14 3.80 11.09
CA ALA A 9 -7.31 3.09 10.55
C ALA A 9 -7.22 2.98 9.04
N VAL A 10 -6.69 3.99 8.37
CA VAL A 10 -6.53 3.95 6.91
C VAL A 10 -5.57 2.84 6.54
N VAL A 11 -4.41 2.74 7.25
CA VAL A 11 -3.49 1.63 7.00
C VAL A 11 -4.20 0.29 7.16
N GLN A 12 -5.01 0.16 8.21
N GLN A 12 -5.02 0.16 8.20
CA GLN A 12 -5.76 -1.08 8.41
CA GLN A 12 -5.74 -1.10 8.39
C GLN A 12 -6.74 -1.33 7.26
C GLN A 12 -6.75 -1.33 7.26
N ARG A 13 -7.40 -0.27 6.77
CA ARG A 13 -8.39 -0.46 5.69
C ARG A 13 -7.69 -0.82 4.40
N TYR A 14 -6.47 -0.26 4.20
CA TYR A 14 -5.65 -0.64 3.05
C TYR A 14 -5.28 -2.12 3.10
N VAL A 15 -4.78 -2.57 4.25
CA VAL A 15 -4.40 -3.97 4.39
C VAL A 15 -5.62 -4.85 4.18
N ALA A 16 -6.77 -4.43 4.71
CA ALA A 16 -8.01 -5.21 4.57
C ALA A 16 -8.51 -5.25 3.13
N ALA A 17 -8.38 -4.14 2.40
CA ALA A 17 -8.87 -4.10 1.04
C ALA A 17 -7.99 -4.94 0.14
N LEU A 18 -6.67 -4.90 0.33
CA LEU A 18 -5.82 -5.82 -0.43
C LEU A 18 -6.27 -7.24 -0.18
N ASN A 19 -6.57 -7.57 1.08
CA ASN A 19 -6.98 -8.95 1.40
C ASN A 19 -8.30 -9.35 0.76
N ALA A 20 -9.23 -8.39 0.69
CA ALA A 20 -10.53 -8.69 0.08
C ALA A 20 -10.49 -8.62 -1.44
N GLY A 21 -9.37 -8.17 -2.03
CA GLY A 21 -9.42 -7.95 -3.46
C GLY A 21 -10.27 -6.77 -3.79
N ASP A 22 -10.48 -5.86 -2.81
CA ASP A 22 -11.46 -4.79 -2.95
C ASP A 22 -10.76 -3.62 -3.61
N LEU A 23 -10.69 -3.69 -4.93
CA LEU A 23 -9.93 -2.69 -5.69
C LEU A 23 -10.52 -1.31 -5.47
N ASP A 24 -11.86 -1.19 -5.58
N ASP A 24 -11.85 -1.18 -5.56
CA ASP A 24 -12.50 0.10 -5.30
CA ASP A 24 -12.48 0.10 -5.30
C ASP A 24 -12.11 0.61 -3.91
C ASP A 24 -12.13 0.60 -3.90
N GLY A 25 -12.06 -0.31 -2.93
CA GLY A 25 -11.77 0.09 -1.58
C GLY A 25 -10.36 0.61 -1.43
N ILE A 26 -9.42 0.00 -2.15
CA ILE A 26 -8.03 0.51 -2.13
C ILE A 26 -7.98 1.93 -2.73
N VAL A 27 -8.47 2.04 -3.96
CA VAL A 27 -8.38 3.30 -4.70
C VAL A 27 -9.04 4.45 -3.96
N ALA A 28 -10.13 4.17 -3.22
CA ALA A 28 -10.88 5.22 -2.55
C ALA A 28 -10.04 5.90 -1.47
N LEU A 29 -8.97 5.25 -1.01
CA LEU A 29 -8.11 5.85 0.02
C LEU A 29 -7.22 6.95 -0.53
N TYR A 30 -7.07 7.02 -1.86
CA TYR A 30 -6.10 7.91 -2.47
C TYR A 30 -6.75 9.16 -3.00
N ALA A 31 -6.02 10.27 -2.90
CA ALA A 31 -6.40 11.49 -3.58
C ALA A 31 -6.41 11.25 -5.10
N SER A 32 -7.17 12.07 -5.80
CA SER A 32 -7.31 11.89 -7.26
C SER A 32 -5.99 12.12 -7.97
N ASP A 33 -5.10 12.90 -7.36
CA ASP A 33 -3.81 13.26 -7.91
C ASP A 33 -2.66 12.60 -7.14
N ALA A 34 -2.91 11.52 -6.41
CA ALA A 34 -1.86 10.88 -5.62
C ALA A 34 -0.77 10.28 -6.49
N THR A 35 0.44 10.28 -5.94
CA THR A 35 1.60 9.67 -6.58
C THR A 35 2.07 8.51 -5.70
N VAL A 36 2.28 7.35 -6.33
CA VAL A 36 2.76 6.13 -5.66
C VAL A 36 4.09 5.76 -6.27
N THR A 37 5.07 5.46 -5.38
CA THR A 37 6.42 5.07 -5.77
C THR A 37 6.69 3.68 -5.21
N GLU A 38 6.85 2.71 -6.09
CA GLU A 38 7.22 1.33 -5.72
C GLU A 38 8.72 1.19 -6.02
N SER A 39 9.43 0.48 -5.14
CA SER A 39 10.81 0.07 -5.46
C SER A 39 10.83 -0.55 -6.85
N PHE A 40 11.85 -0.21 -7.62
CA PHE A 40 12.24 -0.80 -8.88
C PHE A 40 11.40 -0.34 -10.05
N ARG A 41 10.59 0.70 -9.89
CA ARG A 41 9.76 1.27 -10.96
C ARG A 41 9.69 2.78 -10.83
N PRO A 42 9.44 3.45 -11.94
CA PRO A 42 9.12 4.88 -11.85
C PRO A 42 7.77 5.11 -11.18
N PRO A 43 7.61 6.24 -10.54
CA PRO A 43 6.32 6.53 -9.87
C PRO A 43 5.18 6.64 -10.87
N PHE A 44 3.98 6.44 -10.36
CA PHE A 44 2.77 6.59 -11.13
C PHE A 44 1.79 7.44 -10.35
N THR A 45 0.96 8.21 -11.13
CA THR A 45 0.15 9.26 -10.56
C THR A 45 -1.28 9.17 -11.07
N GLY A 46 -2.23 9.41 -10.17
CA GLY A 46 -3.62 9.56 -10.50
C GLY A 46 -4.42 8.27 -10.35
N THR A 47 -5.72 8.45 -10.20
CA THR A 47 -6.63 7.35 -9.93
C THR A 47 -6.52 6.22 -10.94
N GLU A 48 -6.52 6.56 -12.23
CA GLU A 48 -6.50 5.51 -13.25
C GLU A 48 -5.25 4.64 -13.13
N ALA A 49 -4.08 5.26 -13.01
CA ALA A 49 -2.83 4.51 -12.91
C ALA A 49 -2.77 3.68 -11.63
N ILE A 50 -3.18 4.27 -10.51
CA ILE A 50 -3.20 3.55 -9.23
C ILE A 50 -4.14 2.34 -9.31
N ARG A 51 -5.33 2.53 -9.88
N ARG A 51 -5.31 2.51 -9.92
CA ARG A 51 -6.25 1.40 -10.03
CA ARG A 51 -6.21 1.39 -10.12
C ARG A 51 -5.63 0.30 -10.89
C ARG A 51 -5.55 0.28 -10.94
N GLU A 52 -4.91 0.69 -11.94
N GLU A 52 -4.92 0.66 -12.05
CA GLU A 52 -4.32 -0.30 -12.83
CA GLU A 52 -4.27 -0.35 -12.90
C GLU A 52 -3.18 -1.07 -12.14
C GLU A 52 -3.18 -1.08 -12.13
N PHE A 53 -2.39 -0.36 -11.31
CA PHE A 53 -1.33 -1.00 -10.56
C PHE A 53 -1.90 -2.06 -9.61
N TYR A 54 -2.93 -1.72 -8.86
CA TYR A 54 -3.48 -2.67 -7.92
C TYR A 54 -4.28 -3.78 -8.60
N ALA A 55 -4.95 -3.49 -9.72
CA ALA A 55 -5.61 -4.57 -10.46
C ALA A 55 -4.60 -5.61 -10.94
N ASN A 56 -3.44 -5.16 -11.48
CA ASN A 56 -2.43 -6.10 -11.90
C ASN A 56 -1.83 -6.83 -10.71
N SER A 57 -1.63 -6.12 -9.59
CA SER A 57 -1.11 -6.74 -8.38
C SER A 57 -2.04 -7.84 -7.89
N LEU A 58 -3.35 -7.60 -7.97
CA LEU A 58 -4.35 -8.51 -7.43
C LEU A 58 -4.61 -9.69 -8.39
N LYS A 59 -3.93 -9.75 -9.52
CA LYS A 59 -3.89 -10.98 -10.30
C LYS A 59 -3.25 -12.12 -9.51
N LEU A 60 -2.39 -11.77 -8.51
CA LEU A 60 -1.80 -12.69 -7.55
C LEU A 60 -2.74 -12.83 -6.33
N PRO A 61 -2.79 -14.01 -5.69
CA PRO A 61 -3.62 -14.20 -4.45
C PRO A 61 -2.93 -13.61 -3.23
N LEU A 62 -2.97 -12.29 -3.14
CA LEU A 62 -2.19 -11.60 -2.10
C LEU A 62 -2.83 -11.83 -0.74
N ALA A 63 -2.00 -12.23 0.22
CA ALA A 63 -2.34 -12.24 1.63
C ALA A 63 -1.40 -11.27 2.35
N VAL A 64 -1.98 -10.33 3.09
CA VAL A 64 -1.23 -9.19 3.63
C VAL A 64 -1.45 -9.07 5.11
N GLU A 65 -0.40 -8.71 5.84
CA GLU A 65 -0.61 -8.42 7.26
C GLU A 65 0.50 -7.53 7.82
N LEU A 66 0.09 -6.66 8.74
CA LEU A 66 1.04 -5.83 9.46
C LEU A 66 1.88 -6.72 10.37
N THR A 67 3.17 -6.40 10.49
CA THR A 67 4.06 -7.13 11.36
C THR A 67 4.52 -6.33 12.56
N GLN A 68 4.19 -5.04 12.61
CA GLN A 68 4.43 -4.17 13.75
C GLN A 68 3.33 -3.15 13.84
N GLU A 69 3.32 -2.43 14.96
CA GLU A 69 2.44 -1.27 15.13
C GLU A 69 2.69 -0.22 14.06
N VAL A 70 1.63 0.49 13.68
CA VAL A 70 1.76 1.59 12.72
C VAL A 70 2.39 2.78 13.44
N ARG A 71 3.21 3.52 12.74
CA ARG A 71 3.75 4.79 13.20
C ARG A 71 2.98 5.90 12.49
N ALA A 72 2.36 6.82 13.24
CA ALA A 72 1.57 7.88 12.63
C ALA A 72 1.75 9.21 13.39
N ALA A 73 2.13 10.25 12.65
CA ALA A 73 2.29 11.59 13.23
C ALA A 73 2.37 12.63 12.13
N ASN A 74 1.88 13.83 12.42
CA ASN A 74 2.08 15.00 11.55
C ASN A 74 1.70 14.70 10.09
N GLY A 75 0.51 14.14 9.91
CA GLY A 75 -0.02 13.87 8.58
C GLY A 75 0.64 12.77 7.79
N GLU A 76 1.41 11.90 8.42
N GLU A 76 1.40 11.90 8.42
CA GLU A 76 2.11 10.82 7.73
CA GLU A 76 2.03 10.79 7.70
C GLU A 76 2.05 9.55 8.59
C GLU A 76 2.02 9.54 8.57
N ALA A 77 2.09 8.39 7.90
CA ALA A 77 2.17 7.09 8.56
C ALA A 77 3.18 6.21 7.86
N ALA A 78 3.78 5.31 8.63
CA ALA A 78 4.67 4.30 8.04
C ALA A 78 4.38 3.00 8.72
N PHE A 79 4.59 1.88 8.00
CA PHE A 79 4.25 0.58 8.54
C PHE A 79 5.05 -0.52 7.88
N ALA A 80 5.34 -1.54 8.66
CA ALA A 80 6.05 -2.74 8.23
C ALA A 80 5.00 -3.84 8.09
N PHE A 81 5.14 -4.62 7.03
CA PHE A 81 4.14 -5.64 6.73
C PHE A 81 4.75 -6.71 5.84
N ILE A 82 3.99 -7.76 5.63
CA ILE A 82 4.34 -8.82 4.68
C ILE A 82 3.20 -9.01 3.69
N VAL A 83 3.58 -9.41 2.48
CA VAL A 83 2.68 -9.80 1.40
C VAL A 83 3.13 -11.18 0.97
N SER A 84 2.21 -12.15 1.03
CA SER A 84 2.51 -13.51 0.66
C SER A 84 1.63 -13.87 -0.54
N PHE A 85 2.22 -14.57 -1.50
CA PHE A 85 1.43 -15.07 -2.63
C PHE A 85 2.06 -16.37 -3.17
N GLU A 86 1.26 -17.10 -3.94
CA GLU A 86 1.74 -18.25 -4.67
C GLU A 86 1.54 -17.96 -6.16
N TYR A 87 2.52 -18.30 -6.99
CA TYR A 87 2.42 -18.13 -8.43
C TYR A 87 3.07 -19.32 -9.11
N GLN A 88 2.32 -19.96 -10.01
CA GLN A 88 2.77 -21.17 -10.67
C GLN A 88 3.34 -22.15 -9.65
N GLY A 89 2.65 -22.28 -8.51
CA GLY A 89 3.01 -23.24 -7.51
C GLY A 89 4.12 -22.84 -6.56
N ARG A 90 4.78 -21.70 -6.78
CA ARG A 90 5.90 -21.27 -5.95
C ARG A 90 5.46 -20.15 -5.02
N LYS A 91 5.84 -20.26 -3.75
CA LYS A 91 5.48 -19.29 -2.73
C LYS A 91 6.56 -18.22 -2.52
N THR A 92 6.11 -16.98 -2.37
CA THR A 92 6.98 -15.82 -2.11
C THR A 92 6.38 -15.02 -0.97
N VAL A 93 7.25 -14.44 -0.14
CA VAL A 93 6.83 -13.50 0.87
C VAL A 93 7.73 -12.26 0.69
N VAL A 94 7.10 -11.09 0.52
CA VAL A 94 7.82 -9.83 0.42
C VAL A 94 7.52 -9.06 1.68
N ALA A 95 8.56 -8.42 2.21
CA ALA A 95 8.44 -7.66 3.48
C ALA A 95 8.82 -6.21 3.24
N PRO A 96 7.91 -5.36 2.78
CA PRO A 96 8.23 -3.94 2.59
C PRO A 96 8.06 -3.13 3.86
N ILE A 97 8.46 -1.87 3.75
CA ILE A 97 8.02 -0.80 4.63
C ILE A 97 7.35 0.24 3.72
N ASP A 98 6.13 0.62 4.07
CA ASP A 98 5.37 1.63 3.34
C ASP A 98 5.30 2.93 4.14
N HIS A 99 5.17 4.01 3.38
CA HIS A 99 5.01 5.35 3.94
C HIS A 99 3.87 6.04 3.18
N PHE A 100 2.89 6.56 3.93
CA PHE A 100 1.78 7.32 3.38
C PHE A 100 1.82 8.76 3.90
N ARG A 101 1.68 9.72 3.00
N ARG A 101 1.59 9.70 3.01
CA ARG A 101 1.41 11.10 3.38
CA ARG A 101 1.41 11.11 3.33
C ARG A 101 -0.02 11.47 2.99
C ARG A 101 0.00 11.54 2.95
N PHE A 102 -0.70 12.16 3.90
CA PHE A 102 -2.12 12.53 3.75
C PHE A 102 -2.32 14.02 3.47
N ASN A 103 -3.32 14.31 2.65
CA ASN A 103 -3.75 15.69 2.47
C ASN A 103 -4.77 16.08 3.57
N GLY A 104 -5.19 17.34 3.56
CA GLY A 104 -6.10 17.87 4.56
C GLY A 104 -7.45 17.18 4.59
N ALA A 105 -7.86 16.58 3.46
CA ALA A 105 -9.10 15.83 3.36
C ALA A 105 -8.97 14.40 3.82
N GLY A 106 -7.77 13.99 4.28
CA GLY A 106 -7.60 12.65 4.80
C GLY A 106 -7.29 11.57 3.79
N LYS A 107 -6.97 11.96 2.56
CA LYS A 107 -6.70 11.00 1.49
C LYS A 107 -5.18 10.88 1.31
N ILE A 108 -4.76 9.71 0.86
CA ILE A 108 -3.32 9.51 0.59
C ILE A 108 -2.95 10.30 -0.66
N VAL A 109 -2.00 11.22 -0.52
CA VAL A 109 -1.51 11.99 -1.64
C VAL A 109 -0.12 11.58 -2.10
N TYR A 110 0.65 10.92 -1.25
CA TYR A 110 1.94 10.34 -1.62
C TYR A 110 2.09 9.02 -0.89
N ALA A 111 2.48 7.98 -1.61
CA ALA A 111 2.72 6.69 -0.99
C ALA A 111 4.00 6.09 -1.58
N GLN A 112 4.75 5.40 -0.73
N GLN A 112 4.76 5.40 -0.73
N GLN A 112 4.75 5.42 -0.71
CA GLN A 112 5.95 4.72 -1.14
CA GLN A 112 5.96 4.71 -1.17
CA GLN A 112 5.96 4.70 -1.10
C GLN A 112 5.98 3.32 -0.55
C GLN A 112 6.04 3.34 -0.54
C GLN A 112 5.88 3.29 -0.56
N ALA A 113 6.39 2.35 -1.35
CA ALA A 113 6.71 1.00 -0.86
C ALA A 113 8.20 0.74 -1.07
N LEU A 114 8.92 0.46 -0.01
N LEU A 114 8.92 0.46 0.00
CA LEU A 114 10.36 0.25 -0.06
CA LEU A 114 10.35 0.25 -0.03
C LEU A 114 10.63 -1.21 0.30
C LEU A 114 10.62 -1.22 0.31
N PHE A 115 11.27 -1.92 -0.62
CA PHE A 115 11.66 -3.29 -0.42
C PHE A 115 12.81 -3.55 -1.38
N GLY A 116 13.73 -4.44 -0.96
CA GLY A 116 14.86 -4.85 -1.77
C GLY A 116 14.90 -6.36 -1.95
N GLU A 117 15.89 -6.80 -2.71
CA GLU A 117 16.16 -8.22 -2.93
C GLU A 117 16.17 -9.01 -1.63
N LYS A 118 16.79 -8.49 -0.60
CA LYS A 118 16.91 -9.18 0.66
C LYS A 118 15.59 -9.26 1.42
N ASN A 119 14.60 -8.51 1.02
CA ASN A 119 13.28 -8.56 1.65
C ASN A 119 12.28 -9.39 0.83
N ILE A 120 12.74 -10.08 -0.20
CA ILE A 120 11.90 -10.93 -1.04
C ILE A 120 12.35 -12.36 -0.77
N HIS A 121 11.50 -13.12 -0.09
CA HIS A 121 11.87 -14.42 0.45
C HIS A 121 11.10 -15.55 -0.20
N ALA A 122 11.80 -16.59 -0.64
CA ALA A 122 11.15 -17.79 -1.13
C ALA A 122 10.53 -18.57 0.03
C1 DXC B . 7.04 -7.39 -9.98
C2 DXC B . 7.71 -7.28 -8.58
C3 DXC B . 7.38 -8.51 -7.75
C4 DXC B . 5.87 -8.72 -7.68
C5 DXC B . 5.13 -8.77 -9.06
C6 DXC B . 5.55 -7.61 -9.91
C7 DXC B . 8.02 -8.39 -6.36
C8 DXC B . 7.37 -7.37 -5.49
C9 DXC B . 5.88 -7.49 -5.39
C10 DXC B . 5.27 -7.57 -6.82
C11 DXC B . 5.24 -6.33 -4.72
C12 DXC B . 3.73 -6.33 -4.56
C13 DXC B . 3.15 -6.37 -5.98
C14 DXC B . 3.74 -7.59 -6.75
C15 DXC B . 5.67 -6.04 -3.27
C16 DXC B . 4.59 -5.15 -2.74
C17 DXC B . 3.45 -5.13 -3.74
C18 DXC B . 5.53 -10.05 -7.03
C19 DXC B . 2.11 -4.94 -3.06
O1 DXC B . 3.42 -5.18 -6.67
O2 DXC B . 7.49 -6.27 -10.79
C20 DXC B . 3.26 -7.62 -3.83
C21 DXC B . 2.03 -3.73 -2.13
C22 DXC B . 2.33 -2.40 -2.73
C23 DXC B . 2.37 -1.24 -1.80
O3 DXC B . 2.67 -0.13 -2.12
O4 DXC B . 2.03 -1.39 -0.62
C24 DXC B . 0.94 -4.84 -4.00
H1 DXC B . 7.37 -8.24 -10.32
H22 DXC B . 7.43 -6.48 -8.10
H21 DXC B . 8.68 -7.20 -8.66
H3 DXC B . 7.84 -9.23 -8.21
H52 DXC B . 4.17 -8.75 -8.92
H51 DXC B . 5.34 -9.60 -9.51
H62 DXC B . 5.13 -6.80 -9.58
H61 DXC B . 5.21 -7.74 -10.80
H72 DXC B . 8.00 -9.22 -5.86
H71 DXC B . 8.96 -8.15 -6.40
H82 DXC B . 7.81 -7.43 -4.63
H81 DXC B . 7.64 -6.51 -5.85
H9 DXC B . 5.69 -8.31 -4.91
H10 DXC B . 5.41 -6.74 -7.30
H11 DXC B . 5.40 -5.54 -5.27
H13 DXC B . 2.19 -6.50 -5.85
H142 DXC B . 3.39 -7.60 -7.65
H141 DXC B . 3.46 -8.40 -6.32
H152 DXC B . 5.74 -6.86 -2.76
H151 DXC B . 6.52 -5.59 -3.26
H162 DXC B . 4.28 -5.50 -1.89
H161 DXC B . 4.93 -4.26 -2.60
H17 DXC B . 3.61 -4.41 -4.37
H183 DXC B . 5.92 -10.77 -7.53
H182 DXC B . 4.56 -10.16 -7.01
H181 DXC B . 5.86 -10.06 -6.13
H19 DXC B . 1.98 -5.66 -2.43
H1O1 DXC B . 2.78 -4.63 -6.54
H2 DXC B . 7.89 -5.70 -10.29
H203 DXC B . 2.31 -7.80 -3.94
H202 DXC B . 3.40 -7.59 -2.87
H201 DXC B . 3.71 -8.42 -4.13
H212 DXC B . 1.15 -3.62 -1.74
H211 DXC B . 2.66 -3.80 -1.40
H222 DXC B . 3.19 -2.49 -3.19
H221 DXC B . 1.66 -2.26 -3.42
H243 DXC B . 0.75 -5.73 -4.34
H242 DXC B . 1.18 -4.25 -4.73
H241 DXC B . 0.18 -4.49 -3.53
C1 DXC C . 0.87 -12.66 -14.57
C2 DXC C . 1.32 -12.61 -13.10
C3 DXC C . 2.15 -11.33 -12.83
C4 DXC C . 3.31 -11.16 -13.82
C5 DXC C . 2.85 -11.22 -15.25
C6 DXC C . 2.09 -12.49 -15.51
C7 DXC C . 2.65 -11.33 -11.39
C8 DXC C . 3.75 -12.32 -11.11
C9 DXC C . 4.91 -12.25 -12.09
C10 DXC C . 4.39 -12.22 -13.58
C11 DXC C . 5.89 -13.40 -11.99
C12 DXC C . 7.14 -13.22 -12.85
C13 DXC C . 6.68 -13.19 -14.25
C14 DXC C . 5.61 -12.07 -14.45
C15 DXC C . 6.55 -13.67 -10.68
C16 DXC C . 7.82 -14.39 -10.99
C17 DXC C . 7.96 -14.44 -12.51
C18 DXC C . 3.93 -9.77 -13.70
C19 DXC C . 9.40 -14.55 -12.92
O1 DXC C . 6.12 -14.48 -14.63
O2 DXC C . 0.12 -13.84 -14.81
C20 DXC C . 7.88 -11.93 -12.52
C21 DXC C . 9.97 -15.93 -12.56
C22 DXC C . 11.49 -15.93 -12.45
C23 DXC C . 12.05 -17.16 -11.82
O3 DXC C . 13.15 -17.31 -11.58
O4 DXC C . 11.32 -18.03 -11.50
C24 DXC C . 9.77 -14.25 -14.36
H1 DXC C . 0.31 -11.88 -14.66
H22 DXC C . 1.86 -13.38 -12.87
H21 DXC C . 0.56 -12.62 -12.50
H3 DXC C . 1.45 -10.65 -12.91
H52 DXC C . 3.62 -11.19 -15.83
H51 DXC C . 2.28 -10.46 -15.45
H62 DXC C . 2.68 -13.25 -15.41
H61 DXC C . 1.78 -12.49 -16.43
H72 DXC C . 3.00 -10.46 -11.11
H71 DXC C . 1.96 -11.53 -10.74
H82 DXC C . 4.04 -12.14 -10.20
H81 DXC C . 3.32 -13.18 -11.09
H9 DXC C . 5.36 -11.42 -11.91
H10 DXC C . 3.99 -13.06 -13.85
H11 DXC C . 5.44 -14.22 -12.25
H13 DXC C . 7.46 -12.95 -14.77
H142 DXC C . 5.34 -12.06 -15.37
H141 DXC C . 6.02 -11.21 -14.27
H152 DXC C . 6.73 -12.83 -10.22
H151 DXC C . 5.98 -14.22 -10.12
H162 DXC C . 8.58 -13.93 -10.61
H161 DXC C . 7.79 -15.29 -10.64
H17 DXC C . 7.46 -15.17 -12.89
H183 DXC C . 3.24 -9.09 -13.72
H182 DXC C . 4.55 -9.62 -14.42
H181 DXC C . 4.41 -9.70 -12.85
H19 DXC C . 9.90 -13.93 -12.38
H1O1 DXC C . 5.41 -14.38 -15.06
H2 DXC C . 0.26 -14.13 -15.60
H203 DXC C . 7.42 -11.38 -11.87
H202 DXC C . 8.76 -12.07 -12.16
H201 DXC C . 8.02 -11.35 -13.29
H212 DXC C . 9.66 -16.27 -11.70
H211 DXC C . 9.77 -16.62 -13.22
H222 DXC C . 11.84 -15.80 -13.35
H221 DXC C . 11.73 -15.13 -11.95
H243 DXC C . 9.30 -14.86 -14.95
H242 DXC C . 10.73 -14.37 -14.47
H241 DXC C . 9.52 -13.33 -14.57
P PO4 D . -11.56 6.66 10.64
O1 PO4 D . -12.46 5.46 10.70
O2 PO4 D . -12.39 7.93 10.73
O3 PO4 D . -10.79 6.65 9.35
O4 PO4 D . -10.61 6.63 11.83
P PO4 E . -4.13 19.91 1.09
O1 PO4 E . -4.75 19.39 -0.20
O2 PO4 E . -3.62 18.77 1.94
O3 PO4 E . -5.17 20.66 1.90
O4 PO4 E . -2.97 20.81 0.76
#